data_8HTF
#
_entry.id   8HTF
#
_cell.length_a   38.965
_cell.length_b   75.107
_cell.length_c   50.486
_cell.angle_alpha   90.000
_cell.angle_beta   99.470
_cell.angle_gamma   90.000
#
_symmetry.space_group_name_H-M   'P 1 21 1'
#
loop_
_entity.id
_entity.type
_entity.pdbx_description
1 polymer 'NAD(+)--protein-threonine ADP-ribosyltransferase'
2 polymer 'Ubiquitin-40S ribosomal protein S27a (Fragment)'
3 non-polymer NICOTINAMIDE-ADENINE-DINUCLEOTIDE
4 water water
#
loop_
_entity_poly.entity_id
_entity_poly.type
_entity_poly.pdbx_seq_one_letter_code
_entity_poly.pdbx_strand_id
1 'polypeptide(L)'
;SNRQEKLAQLMRQFESGGLYLRTVSDHRDEFENTFMPKLDACLGHGCDERYWSSATFIQQGLNGKVHDPHADRTGLIISA
DARLGGFSTFDAATANVPSGLEPSQYFPGQFPKFDMMGAYQATWNEDIFSVDATAVSEQQMDELGIPDEYRSVFDFDRIQ
EKMAQPRLAGREVEPTEAKICYQPKDVLGIYVDVDSPASQSKARELQQAMREQGFDLPFIAYRGGAAQELASV
;
A
2 'polypeptide(L)'
;GPLGSMQIFVKTLTGKTITLEVEPSDTIENVKAKIQDKEGIPPDQQRLIFAGKQLEDGRTLSDYNIQKESTLHLVLRLRG
G
;
B
#
# COMPACT_ATOMS: atom_id res chain seq x y z
N SER A 1 23.71 -4.87 -15.25
CA SER A 1 23.81 -3.60 -15.96
C SER A 1 24.54 -2.56 -15.12
N ASN A 2 25.18 -1.59 -15.79
CA ASN A 2 25.84 -0.51 -15.07
C ASN A 2 24.84 0.62 -14.77
N ARG A 3 25.37 1.69 -14.17
CA ARG A 3 24.52 2.80 -13.74
C ARG A 3 23.84 3.47 -14.91
N GLN A 4 24.58 3.68 -16.00
CA GLN A 4 23.99 4.34 -17.15
C GLN A 4 22.89 3.49 -17.76
N GLU A 5 23.12 2.18 -17.83
CA GLU A 5 22.09 1.30 -18.37
C GLU A 5 20.83 1.30 -17.50
N LYS A 6 20.98 1.35 -16.17
CA LYS A 6 19.81 1.40 -15.31
C LYS A 6 19.07 2.71 -15.51
N LEU A 7 19.81 3.82 -15.53
CA LEU A 7 19.21 5.13 -15.74
C LEU A 7 18.40 5.17 -17.04
N ALA A 8 18.99 4.68 -18.14
CA ALA A 8 18.29 4.65 -19.42
C ALA A 8 17.05 3.77 -19.36
N GLN A 9 17.16 2.60 -18.73
CA GLN A 9 15.99 1.73 -18.60
C GLN A 9 14.91 2.38 -17.73
N LEU A 10 15.34 3.10 -16.69
CA LEU A 10 14.40 3.81 -15.83
C LEU A 10 13.60 4.85 -16.60
N MET A 11 14.30 5.75 -17.27
CA MET A 11 13.63 6.81 -18.01
C MET A 11 12.79 6.26 -19.15
N ARG A 12 13.26 5.21 -19.83
CA ARG A 12 12.46 4.58 -20.87
C ARG A 12 11.12 4.10 -20.32
N GLN A 13 11.14 3.41 -19.17
CA GLN A 13 9.90 2.93 -18.58
C GLN A 13 9.05 4.09 -18.08
N PHE A 14 9.67 5.08 -17.43
CA PHE A 14 8.94 6.24 -16.89
C PHE A 14 8.21 7.00 -17.98
N GLU A 15 8.86 7.18 -19.13
CA GLU A 15 8.29 7.93 -20.23
C GLU A 15 7.33 7.12 -21.06
N SER A 16 7.22 5.82 -20.82
CA SER A 16 6.22 5.03 -21.52
C SER A 16 5.19 4.49 -20.54
N GLY A 17 5.28 3.22 -20.21
CA GLY A 17 4.23 2.68 -19.39
C GLY A 17 4.33 2.92 -17.89
N GLY A 18 5.36 3.60 -17.40
CA GLY A 18 5.53 3.83 -15.98
C GLY A 18 6.23 2.69 -15.25
N LEU A 19 6.32 2.85 -13.93
CA LEU A 19 7.01 1.89 -13.08
C LEU A 19 6.69 2.18 -11.61
N TYR A 20 7.48 1.65 -10.68
CA TYR A 20 7.16 1.75 -9.26
C TYR A 20 8.17 2.60 -8.50
N LEU A 21 7.70 3.22 -7.42
CA LEU A 21 8.57 3.95 -6.50
C LEU A 21 8.21 3.56 -5.09
N ARG A 22 9.17 2.99 -4.37
CA ARG A 22 8.97 2.53 -3.00
C ARG A 22 9.77 3.45 -2.08
N THR A 23 9.06 4.24 -1.26
CA THR A 23 9.76 4.96 -0.21
C THR A 23 10.01 4.01 0.97
N VAL A 24 11.06 4.30 1.76
CA VAL A 24 11.44 3.45 2.88
C VAL A 24 11.69 4.31 4.12
N SER A 25 11.07 3.95 5.24
CA SER A 25 11.37 4.67 6.47
C SER A 25 12.78 4.38 6.96
N ASP A 26 13.26 3.14 6.82
CA ASP A 26 14.58 2.75 7.31
C ASP A 26 15.36 2.10 6.17
N HIS A 27 16.31 2.85 5.61
CA HIS A 27 17.11 2.35 4.51
C HIS A 27 18.00 1.19 4.94
N ARG A 28 18.52 1.19 6.18
CA ARG A 28 19.34 0.07 6.62
C ARG A 28 18.49 -1.18 6.77
N ASP A 29 17.29 -1.04 7.31
CA ASP A 29 16.38 -2.17 7.42
C ASP A 29 16.03 -2.72 6.04
N GLU A 30 15.76 -1.83 5.07
CA GLU A 30 15.43 -2.29 3.73
C GLU A 30 16.63 -2.99 3.08
N PHE A 31 17.82 -2.41 3.21
CA PHE A 31 19.01 -3.04 2.64
C PHE A 31 19.33 -4.36 3.35
N GLU A 32 19.44 -4.34 4.69
CA GLU A 32 19.92 -5.54 5.38
C GLU A 32 18.89 -6.67 5.37
N ASN A 33 17.60 -6.34 5.54
CA ASN A 33 16.59 -7.35 5.78
C ASN A 33 15.64 -7.60 4.60
N THR A 34 15.72 -6.81 3.52
CA THR A 34 14.95 -7.12 2.31
C THR A 34 15.83 -7.32 1.08
N PHE A 35 16.65 -6.33 0.69
CA PHE A 35 17.46 -6.48 -0.52
C PHE A 35 18.49 -7.60 -0.38
N MET A 36 19.28 -7.57 0.70
CA MET A 36 20.33 -8.58 0.87
C MET A 36 19.78 -10.00 0.95
N PRO A 37 18.68 -10.30 1.65
CA PRO A 37 18.14 -11.67 1.56
C PRO A 37 17.68 -12.03 0.16
N LYS A 38 17.07 -11.09 -0.57
CA LYS A 38 16.70 -11.35 -1.96
C LYS A 38 17.92 -11.71 -2.78
N LEU A 39 19.01 -10.95 -2.60
CA LEU A 39 20.23 -11.18 -3.37
C LEU A 39 20.83 -12.55 -3.04
N ASP A 40 20.94 -12.87 -1.75
CA ASP A 40 21.49 -14.17 -1.34
C ASP A 40 20.73 -15.32 -2.01
N ALA A 41 19.41 -15.18 -2.13
CA ALA A 41 18.64 -16.23 -2.80
C ALA A 41 18.98 -16.26 -4.29
N CYS A 42 19.03 -15.10 -4.93
CA CYS A 42 19.31 -15.02 -6.36
C CYS A 42 20.67 -15.65 -6.70
N LEU A 43 21.71 -15.31 -5.94
CA LEU A 43 23.04 -15.88 -6.15
C LEU A 43 23.18 -17.28 -5.59
N GLY A 44 22.21 -17.76 -4.82
CA GLY A 44 22.21 -19.13 -4.35
C GLY A 44 21.40 -20.03 -5.26
N HIS A 45 20.30 -20.57 -4.74
CA HIS A 45 19.47 -21.49 -5.49
C HIS A 45 18.46 -20.79 -6.40
N GLY A 46 18.48 -19.46 -6.46
CA GLY A 46 17.59 -18.74 -7.35
C GLY A 46 16.71 -17.78 -6.60
N CYS A 47 16.19 -16.74 -7.27
CA CYS A 47 15.35 -15.77 -6.59
C CYS A 47 14.03 -16.42 -6.21
N ASP A 48 13.41 -15.88 -5.17
CA ASP A 48 12.12 -16.40 -4.70
C ASP A 48 11.24 -15.24 -4.27
N GLU A 49 9.95 -15.55 -4.06
CA GLU A 49 8.97 -14.52 -3.78
C GLU A 49 8.57 -14.52 -2.31
N ARG A 50 9.58 -14.50 -1.45
CA ARG A 50 9.39 -14.47 0.00
C ARG A 50 8.97 -13.10 0.48
N TYR A 51 9.52 -12.04 -0.09
CA TYR A 51 9.43 -10.70 0.44
C TYR A 51 8.54 -9.85 -0.48
N TRP A 52 7.46 -9.31 0.07
CA TRP A 52 6.57 -8.43 -0.66
C TRP A 52 6.58 -7.06 0.00
N SER A 53 6.43 -6.01 -0.81
CA SER A 53 6.65 -4.63 -0.36
C SER A 53 5.61 -3.69 -0.96
N SER A 54 5.42 -2.55 -0.30
CA SER A 54 4.52 -1.51 -0.79
C SER A 54 5.29 -0.53 -1.65
N ALA A 55 4.63 -0.05 -2.72
CA ALA A 55 5.23 0.93 -3.62
C ALA A 55 4.10 1.72 -4.29
N THR A 56 4.47 2.86 -4.87
CA THR A 56 3.54 3.73 -5.60
C THR A 56 3.81 3.63 -7.10
N PHE A 57 2.75 3.69 -7.92
CA PHE A 57 2.91 3.78 -9.36
C PHE A 57 3.34 5.17 -9.76
N ILE A 58 4.42 5.27 -10.53
CA ILE A 58 4.86 6.55 -11.07
C ILE A 58 4.97 6.44 -12.59
N GLN A 59 4.80 7.58 -13.27
CA GLN A 59 4.75 7.67 -14.72
C GLN A 59 4.78 9.13 -15.14
N GLN A 60 5.48 9.39 -16.25
CA GLN A 60 5.58 10.75 -16.78
C GLN A 60 4.20 11.37 -16.98
N GLY A 61 4.07 12.65 -16.63
CA GLY A 61 2.81 13.35 -16.76
C GLY A 61 1.76 13.02 -15.71
N LEU A 62 1.98 11.99 -14.87
CA LEU A 62 1.03 11.66 -13.80
C LEU A 62 1.48 12.34 -12.52
N ASN A 63 0.75 13.36 -12.08
CA ASN A 63 1.13 14.14 -10.91
C ASN A 63 0.73 13.37 -9.65
N GLY A 64 1.54 12.36 -9.33
CA GLY A 64 1.24 11.44 -8.24
C GLY A 64 2.16 11.69 -7.06
N LYS A 65 1.58 11.68 -5.86
CA LYS A 65 2.38 11.83 -4.66
C LYS A 65 2.93 10.47 -4.22
N VAL A 66 4.01 10.51 -3.45
CA VAL A 66 4.58 9.30 -2.87
C VAL A 66 4.32 9.31 -1.37
N HIS A 67 4.38 8.13 -0.77
CA HIS A 67 4.09 7.98 0.65
C HIS A 67 5.31 8.40 1.46
N ASP A 68 5.25 9.59 2.06
CA ASP A 68 6.33 10.11 2.87
C ASP A 68 5.77 11.14 3.84
N PRO A 69 5.09 10.70 4.90
CA PRO A 69 4.42 11.67 5.80
C PRO A 69 5.33 12.76 6.33
N HIS A 70 6.59 12.46 6.62
CA HIS A 70 7.47 13.45 7.24
C HIS A 70 8.44 14.07 6.27
N ALA A 71 8.28 13.80 4.98
CA ALA A 71 9.14 14.34 3.93
C ALA A 71 10.60 14.12 4.29
N ASP A 72 10.92 12.85 4.60
CA ASP A 72 12.29 12.54 5.00
C ASP A 72 12.74 11.12 4.61
N ARG A 73 12.07 10.46 3.68
CA ARG A 73 12.44 9.14 3.21
C ARG A 73 13.31 9.21 1.97
N THR A 74 14.24 8.26 1.85
CA THR A 74 14.78 7.88 0.56
C THR A 74 13.93 6.75 -0.02
N GLY A 75 14.44 6.03 -1.01
CA GLY A 75 13.69 4.90 -1.52
C GLY A 75 14.30 4.34 -2.80
N LEU A 76 13.59 3.36 -3.36
CA LEU A 76 14.02 2.60 -4.53
C LEU A 76 13.08 2.88 -5.70
N ILE A 77 13.67 3.13 -6.87
CA ILE A 77 12.93 3.15 -8.15
C ILE A 77 13.01 1.77 -8.75
N ILE A 78 11.86 1.15 -8.97
CA ILE A 78 11.77 -0.29 -9.21
C ILE A 78 11.10 -0.52 -10.56
N SER A 79 11.64 -1.48 -11.31
CA SER A 79 11.21 -1.76 -12.66
C SER A 79 9.76 -2.23 -12.71
N ALA A 80 9.08 -1.84 -13.80
CA ALA A 80 7.74 -2.33 -14.09
C ALA A 80 7.68 -3.85 -14.26
N ASP A 81 8.82 -4.52 -14.45
CA ASP A 81 8.81 -5.97 -14.48
C ASP A 81 8.74 -6.62 -13.09
N ALA A 82 8.71 -5.86 -12.00
CA ALA A 82 8.55 -6.49 -10.68
C ALA A 82 7.20 -7.19 -10.62
N ARG A 83 7.16 -8.32 -9.92
CA ARG A 83 5.92 -9.09 -9.84
C ARG A 83 4.86 -8.35 -9.04
N LEU A 84 3.63 -8.34 -9.54
CA LEU A 84 2.56 -7.51 -9.01
C LEU A 84 1.58 -8.36 -8.20
N GLY A 85 1.32 -7.95 -6.94
CA GLY A 85 0.35 -8.62 -6.10
C GLY A 85 -1.01 -7.96 -5.98
N GLY A 86 -1.07 -6.66 -6.24
CA GLY A 86 -2.35 -5.99 -6.19
C GLY A 86 -2.10 -4.51 -6.22
N PHE A 87 -3.07 -3.73 -6.71
CA PHE A 87 -2.93 -2.30 -6.85
C PHE A 87 -4.26 -1.62 -6.55
N SER A 88 -4.19 -0.49 -5.86
CA SER A 88 -5.37 0.32 -5.61
C SER A 88 -4.97 1.78 -5.52
N THR A 89 -5.94 2.65 -5.78
CA THR A 89 -5.71 4.08 -5.64
C THR A 89 -5.90 4.54 -4.21
N PHE A 90 -6.64 3.78 -3.42
CA PHE A 90 -6.94 4.06 -2.04
C PHE A 90 -5.95 3.33 -1.13
N ASP A 91 -5.68 3.91 0.03
CA ASP A 91 -4.70 3.34 0.95
C ASP A 91 -4.85 3.91 2.35
N TYR A 106 2.67 -9.80 4.24
CA TYR A 106 1.73 -9.89 3.15
C TYR A 106 1.94 -11.20 2.35
N PHE A 107 0.83 -11.85 2.01
CA PHE A 107 0.73 -13.03 1.17
C PHE A 107 -0.18 -12.75 -0.01
N PRO A 108 0.21 -13.17 -1.22
CA PRO A 108 -0.70 -13.02 -2.38
C PRO A 108 -2.01 -13.74 -2.12
N GLY A 109 -3.11 -13.00 -2.24
CA GLY A 109 -4.42 -13.42 -1.77
C GLY A 109 -4.97 -12.56 -0.67
N GLN A 110 -4.12 -11.82 0.04
CA GLN A 110 -4.53 -10.92 1.10
C GLN A 110 -5.00 -9.57 0.57
N PHE A 111 -4.78 -9.30 -0.70
CA PHE A 111 -5.08 -7.98 -1.20
C PHE A 111 -6.58 -7.83 -1.41
N PRO A 112 -7.18 -6.77 -0.90
CA PRO A 112 -8.64 -6.63 -1.02
C PRO A 112 -9.04 -6.38 -2.47
N LYS A 113 -10.13 -7.03 -2.90
CA LYS A 113 -10.68 -6.77 -4.23
C LYS A 113 -11.29 -5.37 -4.34
N PHE A 114 -11.85 -4.85 -3.25
CA PHE A 114 -12.45 -3.53 -3.30
C PHE A 114 -12.35 -2.89 -1.92
N ASP A 115 -12.53 -1.57 -1.91
CA ASP A 115 -12.46 -0.76 -0.69
C ASP A 115 -13.85 -0.76 -0.05
N MET A 116 -14.02 -1.54 1.02
CA MET A 116 -15.34 -1.72 1.65
C MET A 116 -15.89 -0.40 2.19
N MET A 117 -15.10 0.29 2.99
CA MET A 117 -15.59 1.52 3.61
C MET A 117 -15.79 2.60 2.57
N GLY A 118 -14.85 2.72 1.64
CA GLY A 118 -15.05 3.63 0.52
C GLY A 118 -16.30 3.32 -0.28
N ALA A 119 -16.46 2.04 -0.67
CA ALA A 119 -17.61 1.65 -1.47
C ALA A 119 -18.92 1.92 -0.73
N TYR A 120 -18.96 1.65 0.59
CA TYR A 120 -20.17 1.91 1.35
C TYR A 120 -20.51 3.40 1.36
N GLN A 121 -19.50 4.25 1.55
CA GLN A 121 -19.79 5.67 1.59
C GLN A 121 -20.10 6.25 0.21
N ALA A 122 -19.88 5.49 -0.88
CA ALA A 122 -20.32 5.87 -2.20
C ALA A 122 -21.76 5.44 -2.49
N THR A 123 -22.10 4.19 -2.18
CA THR A 123 -23.39 3.61 -2.57
C THR A 123 -24.39 3.52 -1.43
N TRP A 124 -23.93 3.51 -0.17
CA TRP A 124 -24.79 3.29 0.99
C TRP A 124 -25.60 1.99 0.87
N ASN A 125 -25.03 1.02 0.16
CA ASN A 125 -25.60 -0.32 0.01
C ASN A 125 -25.10 -1.21 1.14
N GLU A 126 -25.96 -1.44 2.13
CA GLU A 126 -25.58 -2.20 3.31
C GLU A 126 -25.30 -3.67 2.99
N ASP A 127 -25.73 -4.16 1.83
CA ASP A 127 -25.37 -5.52 1.43
C ASP A 127 -23.87 -5.68 1.22
N ILE A 128 -23.14 -4.57 1.14
CA ILE A 128 -21.69 -4.64 1.04
C ILE A 128 -21.11 -5.43 2.20
N PHE A 129 -21.73 -5.31 3.39
CA PHE A 129 -21.16 -5.92 4.59
C PHE A 129 -21.41 -7.42 4.69
N SER A 130 -22.20 -7.99 3.78
CA SER A 130 -22.44 -9.43 3.77
C SER A 130 -21.31 -10.23 3.10
N VAL A 131 -20.32 -9.59 2.49
CA VAL A 131 -19.27 -10.32 1.78
C VAL A 131 -17.91 -10.01 2.39
N ASP A 132 -16.93 -10.84 2.03
CA ASP A 132 -15.53 -10.61 2.39
C ASP A 132 -14.83 -10.02 1.17
N ALA A 133 -14.29 -8.81 1.33
CA ALA A 133 -13.70 -8.08 0.22
C ALA A 133 -12.38 -8.66 -0.26
N THR A 134 -11.78 -9.60 0.48
CA THR A 134 -10.58 -10.30 0.01
C THR A 134 -10.93 -11.51 -0.84
N ALA A 135 -12.19 -11.93 -0.87
CA ALA A 135 -12.63 -13.17 -1.50
C ALA A 135 -14.05 -13.01 -2.05
N VAL A 136 -14.24 -12.09 -2.97
CA VAL A 136 -15.55 -11.82 -3.55
C VAL A 136 -15.40 -11.92 -5.06
N SER A 137 -16.41 -12.50 -5.72
CA SER A 137 -16.35 -12.68 -7.16
C SER A 137 -16.65 -11.37 -7.87
N GLU A 138 -16.03 -11.19 -9.04
CA GLU A 138 -16.36 -10.00 -9.84
C GLU A 138 -17.85 -9.94 -10.13
N GLN A 139 -18.50 -11.11 -10.22
CA GLN A 139 -19.96 -11.17 -10.37
C GLN A 139 -20.66 -10.60 -9.14
N GLN A 140 -20.25 -11.03 -7.94
CA GLN A 140 -20.85 -10.49 -6.71
C GLN A 140 -20.69 -8.99 -6.65
N MET A 141 -19.48 -8.49 -6.95
CA MET A 141 -19.22 -7.06 -6.86
C MET A 141 -20.10 -6.26 -7.80
N ASP A 142 -20.39 -6.82 -8.98
CA ASP A 142 -21.30 -6.17 -9.92
C ASP A 142 -22.72 -6.11 -9.36
N GLU A 143 -23.21 -7.23 -8.81
CA GLU A 143 -24.53 -7.24 -8.21
C GLU A 143 -24.60 -6.29 -7.03
N LEU A 144 -23.47 -6.09 -6.32
CA LEU A 144 -23.40 -5.13 -5.22
C LEU A 144 -23.33 -3.68 -5.68
N GLY A 145 -23.01 -3.44 -6.95
CA GLY A 145 -22.92 -2.07 -7.42
C GLY A 145 -21.64 -1.36 -7.06
N ILE A 146 -20.58 -2.10 -6.74
CA ILE A 146 -19.31 -1.48 -6.36
C ILE A 146 -18.78 -0.69 -7.54
N PRO A 147 -18.64 0.62 -7.41
CA PRO A 147 -18.07 1.43 -8.50
C PRO A 147 -16.60 1.09 -8.74
N ASP A 148 -16.15 1.33 -9.98
CA ASP A 148 -14.81 0.88 -10.38
C ASP A 148 -13.70 1.61 -9.63
N GLU A 149 -13.93 2.89 -9.26
CA GLU A 149 -12.94 3.63 -8.51
C GLU A 149 -12.60 3.00 -7.16
N TYR A 150 -13.46 2.12 -6.65
CA TYR A 150 -13.23 1.45 -5.38
C TYR A 150 -12.77 0.01 -5.54
N ARG A 151 -12.44 -0.42 -6.74
CA ARG A 151 -11.98 -1.78 -6.93
C ARG A 151 -10.47 -1.78 -7.08
N SER A 152 -9.84 -2.86 -6.63
CA SER A 152 -8.44 -3.12 -6.90
C SER A 152 -8.24 -3.73 -8.28
N VAL A 153 -7.02 -3.61 -8.81
CA VAL A 153 -6.65 -4.26 -10.06
C VAL A 153 -5.43 -5.14 -9.82
N PHE A 154 -5.23 -6.11 -10.72
CA PHE A 154 -4.24 -7.16 -10.49
C PHE A 154 -3.33 -7.42 -11.69
N ASP A 155 -3.28 -6.55 -12.69
CA ASP A 155 -2.19 -6.64 -13.64
C ASP A 155 -1.78 -5.23 -14.02
N PHE A 156 -0.64 -5.13 -14.69
CA PHE A 156 0.01 -3.83 -14.89
C PHE A 156 -0.77 -2.97 -15.87
N ASP A 157 -1.40 -3.58 -16.87
CA ASP A 157 -2.16 -2.82 -17.85
C ASP A 157 -3.36 -2.14 -17.17
N ARG A 158 -3.94 -2.79 -16.17
CA ARG A 158 -5.07 -2.20 -15.44
C ARG A 158 -4.62 -1.05 -14.57
N ILE A 159 -3.39 -1.11 -14.01
CA ILE A 159 -2.85 0.06 -13.32
C ILE A 159 -2.78 1.25 -14.25
N GLN A 160 -2.15 1.06 -15.42
CA GLN A 160 -2.06 2.12 -16.42
C GLN A 160 -3.44 2.71 -16.74
N GLU A 161 -4.44 1.85 -16.98
CA GLU A 161 -5.79 2.33 -17.30
C GLU A 161 -6.40 3.08 -16.13
N LYS A 162 -6.26 2.54 -14.91
CA LYS A 162 -6.83 3.22 -13.75
C LYS A 162 -6.24 4.62 -13.58
N MET A 163 -4.97 4.78 -13.89
CA MET A 163 -4.31 6.06 -13.69
C MET A 163 -4.33 6.97 -14.91
N ALA A 164 -4.94 6.52 -16.02
CA ALA A 164 -4.84 7.29 -17.27
C ALA A 164 -5.67 8.56 -17.20
N GLN A 165 -6.82 8.53 -16.53
CA GLN A 165 -7.65 9.74 -16.48
C GLN A 165 -7.01 10.87 -15.68
N PRO A 166 -6.46 10.63 -14.47
CA PRO A 166 -5.79 11.75 -13.79
C PRO A 166 -4.54 12.21 -14.52
N ARG A 167 -3.77 11.26 -15.09
CA ARG A 167 -2.58 11.64 -15.85
C ARG A 167 -2.92 12.58 -16.99
N LEU A 168 -3.88 12.19 -17.83
CA LEU A 168 -4.21 13.01 -18.99
C LEU A 168 -4.84 14.32 -18.56
N ALA A 169 -5.54 14.31 -17.43
CA ALA A 169 -6.11 15.55 -16.89
C ALA A 169 -5.06 16.43 -16.24
N GLY A 170 -3.87 15.90 -15.98
CA GLY A 170 -2.89 16.66 -15.23
C GLY A 170 -3.35 16.97 -13.83
N ARG A 171 -4.13 16.08 -13.23
CA ARG A 171 -4.70 16.28 -11.91
C ARG A 171 -3.82 15.58 -10.88
N GLU A 172 -3.62 16.25 -9.74
CA GLU A 172 -2.81 15.68 -8.67
C GLU A 172 -3.59 14.58 -7.97
N VAL A 173 -2.91 13.48 -7.63
CA VAL A 173 -3.54 12.39 -6.89
C VAL A 173 -2.69 11.99 -5.69
N GLU A 174 -3.33 11.28 -4.77
CA GLU A 174 -2.72 10.80 -3.54
C GLU A 174 -1.80 9.62 -3.84
N PRO A 175 -1.01 9.18 -2.86
CA PRO A 175 -0.18 8.00 -3.08
C PRO A 175 -1.04 6.76 -3.31
N THR A 176 -0.72 6.04 -4.38
CA THR A 176 -1.36 4.76 -4.68
C THR A 176 -0.53 3.63 -4.09
N GLU A 177 -1.13 2.43 -3.99
CA GLU A 177 -0.43 1.32 -3.36
C GLU A 177 -0.47 0.08 -4.24
N ALA A 178 0.70 -0.38 -4.64
CA ALA A 178 0.89 -1.70 -5.19
C ALA A 178 1.62 -2.58 -4.17
N LYS A 179 1.19 -3.83 -4.07
CA LYS A 179 2.01 -4.86 -3.44
C LYS A 179 2.85 -5.50 -4.54
N ILE A 180 4.18 -5.37 -4.42
CA ILE A 180 5.10 -5.93 -5.40
C ILE A 180 6.13 -6.81 -4.71
N CYS A 181 6.74 -7.68 -5.49
CA CYS A 181 7.88 -8.47 -5.06
C CYS A 181 9.01 -8.15 -6.04
N TYR A 182 9.91 -7.25 -5.68
CA TYR A 182 11.00 -6.92 -6.58
C TYR A 182 12.17 -7.87 -6.37
N GLN A 183 12.97 -8.04 -7.43
CA GLN A 183 14.25 -8.72 -7.32
C GLN A 183 15.38 -7.73 -7.56
N PRO A 184 16.62 -8.09 -7.17
CA PRO A 184 17.71 -7.11 -7.29
C PRO A 184 17.85 -6.50 -8.66
N LYS A 185 17.69 -7.27 -9.73
CA LYS A 185 17.76 -6.72 -11.07
C LYS A 185 16.70 -5.65 -11.32
N ASP A 186 15.60 -5.66 -10.55
CA ASP A 186 14.54 -4.68 -10.77
C ASP A 186 14.86 -3.32 -10.18
N VAL A 187 15.91 -3.21 -9.37
CA VAL A 187 16.19 -1.94 -8.71
C VAL A 187 16.97 -1.07 -9.67
N LEU A 188 16.33 0.01 -10.12
CA LEU A 188 16.88 0.89 -11.14
C LEU A 188 17.38 2.23 -10.61
N GLY A 189 16.91 2.68 -9.45
CA GLY A 189 17.30 4.00 -8.98
C GLY A 189 17.08 4.17 -7.49
N ILE A 190 17.67 5.25 -6.96
CA ILE A 190 17.52 5.64 -5.55
C ILE A 190 16.71 6.93 -5.50
N TYR A 191 15.60 6.92 -4.77
CA TYR A 191 14.73 8.09 -4.67
C TYR A 191 15.32 9.12 -3.71
N VAL A 192 15.34 10.39 -4.14
CA VAL A 192 15.81 11.51 -3.35
C VAL A 192 14.75 12.60 -3.36
N ASP A 193 14.39 13.09 -2.16
CA ASP A 193 13.52 14.26 -2.00
C ASP A 193 14.41 15.49 -1.94
N VAL A 194 14.37 16.30 -2.98
CA VAL A 194 15.30 17.43 -3.11
C VAL A 194 15.04 18.53 -2.09
N ASP A 195 13.88 18.53 -1.43
CA ASP A 195 13.58 19.47 -0.35
C ASP A 195 13.97 18.95 1.04
N SER A 196 14.61 17.79 1.15
CA SER A 196 14.85 17.17 2.47
C SER A 196 16.30 16.81 2.68
N PRO A 197 17.01 17.48 3.60
CA PRO A 197 18.34 16.98 4.00
C PRO A 197 18.34 15.53 4.47
N ALA A 198 17.35 15.10 5.25
CA ALA A 198 17.37 13.73 5.74
C ALA A 198 17.27 12.74 4.59
N SER A 199 16.37 12.99 3.65
CA SER A 199 16.21 12.08 2.52
C SER A 199 17.52 11.93 1.75
N GLN A 200 18.23 13.04 1.53
CA GLN A 200 19.49 13.03 0.80
C GLN A 200 20.59 12.33 1.59
N SER A 201 20.65 12.54 2.90
CA SER A 201 21.63 11.83 3.73
C SER A 201 21.42 10.32 3.65
N LYS A 202 20.19 9.87 3.81
CA LYS A 202 19.93 8.44 3.81
C LYS A 202 20.20 7.83 2.44
N ALA A 203 19.79 8.54 1.37
CA ALA A 203 19.98 8.07 0.00
C ALA A 203 21.47 7.86 -0.32
N ARG A 204 22.30 8.83 0.03
CA ARG A 204 23.75 8.74 -0.01
C ARG A 204 24.27 7.41 0.55
N GLU A 205 23.90 7.11 1.79
CA GLU A 205 24.35 5.88 2.43
C GLU A 205 23.82 4.65 1.71
N LEU A 206 22.55 4.69 1.31
CA LEU A 206 21.95 3.52 0.68
C LEU A 206 22.58 3.26 -0.69
N GLN A 207 22.82 4.32 -1.46
CA GLN A 207 23.44 4.18 -2.78
C GLN A 207 24.84 3.57 -2.64
N GLN A 208 25.62 4.01 -1.64
CA GLN A 208 26.96 3.47 -1.43
C GLN A 208 26.91 1.98 -1.12
N ALA A 209 25.97 1.56 -0.27
CA ALA A 209 25.89 0.17 0.12
C ALA A 209 25.48 -0.71 -1.06
N MET A 210 24.59 -0.20 -1.92
CA MET A 210 24.16 -1.00 -3.05
C MET A 210 25.24 -1.09 -4.11
N ARG A 211 25.99 -0.01 -4.35
CA ARG A 211 27.09 -0.07 -5.32
C ARG A 211 28.12 -1.11 -4.89
N GLU A 212 28.43 -1.16 -3.59
CA GLU A 212 29.39 -2.11 -3.04
C GLU A 212 28.97 -3.56 -3.27
N GLN A 213 27.68 -3.81 -3.50
CA GLN A 213 27.20 -5.15 -3.80
C GLN A 213 27.18 -5.44 -5.28
N GLY A 214 27.56 -4.48 -6.11
CA GLY A 214 27.53 -4.63 -7.55
C GLY A 214 26.35 -3.97 -8.23
N PHE A 215 25.55 -3.17 -7.52
CA PHE A 215 24.39 -2.48 -8.07
C PHE A 215 24.58 -0.96 -7.92
N ASP A 216 25.15 -0.34 -8.96
CA ASP A 216 25.49 1.08 -8.96
C ASP A 216 24.30 1.88 -9.51
N LEU A 217 23.62 2.64 -8.63
CA LEU A 217 22.34 3.19 -9.05
C LEU A 217 22.39 4.71 -9.15
N PRO A 218 21.67 5.32 -10.09
CA PRO A 218 21.56 6.77 -10.11
C PRO A 218 20.62 7.28 -9.03
N PHE A 219 20.87 8.49 -8.59
CA PHE A 219 19.93 9.21 -7.76
C PHE A 219 18.86 9.84 -8.64
N ILE A 220 17.61 9.71 -8.24
CA ILE A 220 16.48 10.18 -9.04
C ILE A 220 15.61 11.07 -8.19
N ALA A 221 15.51 12.35 -8.58
CA ALA A 221 14.50 13.27 -8.06
C ALA A 221 13.19 13.00 -8.78
N TYR A 222 12.22 12.42 -8.07
CA TYR A 222 10.87 12.28 -8.61
C TYR A 222 9.97 13.32 -7.96
N ARG A 223 9.15 13.97 -8.78
CA ARG A 223 8.08 14.79 -8.24
C ARG A 223 7.11 15.16 -9.36
N GLY A 224 5.81 15.06 -9.07
CA GLY A 224 4.77 15.61 -9.90
C GLY A 224 4.80 15.10 -11.34
N GLY A 225 4.95 13.79 -11.52
CA GLY A 225 4.99 13.26 -12.86
C GLY A 225 6.24 13.58 -13.65
N ALA A 226 7.31 14.03 -13.00
CA ALA A 226 8.58 14.29 -13.65
C ALA A 226 9.71 13.64 -12.85
N ALA A 227 10.72 13.15 -13.56
CA ALA A 227 11.85 12.47 -12.95
C ALA A 227 13.14 13.00 -13.53
N GLN A 228 14.15 13.16 -12.67
CA GLN A 228 15.41 13.75 -13.09
C GLN A 228 16.59 13.10 -12.36
N GLU A 229 17.62 12.77 -13.13
CA GLU A 229 18.84 12.23 -12.57
C GLU A 229 19.61 13.30 -11.80
N LEU A 230 20.16 12.91 -10.66
CA LEU A 230 20.97 13.81 -9.86
C LEU A 230 22.39 13.27 -9.77
N ALA A 231 23.35 14.19 -9.71
CA ALA A 231 24.76 13.82 -9.66
C ALA A 231 25.09 13.11 -8.35
N SER A 232 25.13 13.88 -7.26
CA SER A 232 25.36 13.37 -5.92
C SER A 232 24.51 14.19 -4.97
N VAL A 233 24.18 13.59 -3.84
CA VAL A 233 23.23 14.24 -2.92
C VAL A 233 23.81 14.27 -1.52
N MET B 6 -4.64 -5.02 25.53
CA MET B 6 -4.11 -4.28 24.39
C MET B 6 -5.03 -3.15 23.96
N GLN B 7 -4.54 -2.30 23.06
CA GLN B 7 -5.26 -1.11 22.62
C GLN B 7 -5.56 -1.19 21.14
N ILE B 8 -6.83 -1.00 20.78
CA ILE B 8 -7.28 -0.92 19.39
C ILE B 8 -8.14 0.33 19.24
N PHE B 9 -8.36 0.71 17.99
CA PHE B 9 -9.06 1.95 17.65
C PHE B 9 -10.26 1.68 16.76
N VAL B 10 -11.22 2.60 16.82
CA VAL B 10 -12.50 2.49 16.15
C VAL B 10 -12.79 3.83 15.50
N LYS B 11 -13.01 3.81 14.19
CA LYS B 11 -13.28 5.02 13.41
C LYS B 11 -14.77 5.06 13.06
N THR B 12 -15.40 6.23 13.22
CA THR B 12 -16.79 6.42 12.83
C THR B 12 -16.89 6.99 11.42
N LEU B 13 -18.08 6.92 10.85
CA LEU B 13 -18.34 7.48 9.52
C LEU B 13 -18.46 9.00 9.53
N THR B 14 -18.23 9.65 10.68
CA THR B 14 -18.02 11.08 10.73
C THR B 14 -16.58 11.42 11.06
N GLY B 15 -15.69 10.43 11.11
CA GLY B 15 -14.27 10.65 11.29
C GLY B 15 -13.76 10.55 12.72
N LYS B 16 -14.65 10.44 13.69
CA LYS B 16 -14.26 10.32 15.09
C LYS B 16 -13.40 9.08 15.31
N THR B 17 -12.37 9.21 16.14
CA THR B 17 -11.56 8.07 16.55
C THR B 17 -11.82 7.76 18.01
N ILE B 18 -12.18 6.51 18.28
CA ILE B 18 -12.43 6.02 19.62
C ILE B 18 -11.31 5.04 20.01
N THR B 19 -10.91 5.06 21.26
CA THR B 19 -9.89 4.14 21.77
C THR B 19 -10.54 3.09 22.65
N LEU B 20 -9.97 1.90 22.64
CA LEU B 20 -10.51 0.77 23.39
C LEU B 20 -9.38 -0.10 23.95
N GLU B 21 -9.42 -0.33 25.27
CA GLU B 21 -8.62 -1.38 25.89
C GLU B 21 -9.38 -2.70 25.82
N VAL B 22 -8.71 -3.76 25.36
CA VAL B 22 -9.34 -5.04 25.06
C VAL B 22 -8.29 -6.15 25.18
N GLU B 23 -8.74 -7.41 25.19
CA GLU B 23 -7.88 -8.59 25.15
C GLU B 23 -8.24 -9.48 23.96
N PRO B 24 -7.29 -10.25 23.41
CA PRO B 24 -7.58 -11.02 22.19
C PRO B 24 -8.72 -12.03 22.35
N SER B 25 -8.96 -12.53 23.57
CA SER B 25 -10.06 -13.45 23.84
C SER B 25 -11.42 -12.76 23.90
N ASP B 26 -11.48 -11.43 23.79
CA ASP B 26 -12.75 -10.74 23.81
C ASP B 26 -13.58 -11.14 22.62
N THR B 27 -14.83 -11.52 22.88
CA THR B 27 -15.73 -11.74 21.78
C THR B 27 -16.12 -10.40 21.16
N ILE B 28 -16.54 -10.46 19.90
CA ILE B 28 -17.00 -9.23 19.25
C ILE B 28 -18.11 -8.59 20.05
N GLU B 29 -18.89 -9.40 20.78
CA GLU B 29 -19.94 -8.88 21.66
C GLU B 29 -19.36 -7.97 22.73
N ASN B 30 -18.23 -8.35 23.33
CA ASN B 30 -17.62 -7.55 24.40
C ASN B 30 -17.01 -6.26 23.86
N VAL B 31 -16.43 -6.31 22.67
CA VAL B 31 -15.88 -5.13 22.03
C VAL B 31 -16.97 -4.09 21.80
N LYS B 32 -18.16 -4.55 21.39
CA LYS B 32 -19.28 -3.66 21.13
C LYS B 32 -19.88 -3.12 22.42
N ALA B 33 -19.89 -3.95 23.48
CA ALA B 33 -20.29 -3.46 24.80
C ALA B 33 -19.38 -2.32 25.25
N LYS B 34 -18.10 -2.39 24.90
CA LYS B 34 -17.14 -1.36 25.26
C LYS B 34 -17.36 -0.09 24.46
N ILE B 35 -17.73 -0.22 23.18
CA ILE B 35 -18.11 0.94 22.38
C ILE B 35 -19.42 1.54 22.89
N GLN B 36 -20.34 0.69 23.36
CA GLN B 36 -21.59 1.19 23.91
C GLN B 36 -21.33 2.12 25.09
N ASP B 37 -20.36 1.77 25.94
CA ASP B 37 -20.09 2.58 27.12
C ASP B 37 -19.57 3.97 26.77
N LYS B 38 -18.80 4.11 25.67
CA LYS B 38 -18.28 5.41 25.27
C LYS B 38 -19.19 6.16 24.30
N GLU B 39 -19.94 5.45 23.45
CA GLU B 39 -20.71 6.06 22.37
C GLU B 39 -22.22 5.91 22.53
N GLY B 40 -22.67 5.11 23.49
CA GLY B 40 -24.09 4.91 23.69
C GLY B 40 -24.81 4.18 22.57
N ILE B 41 -24.09 3.41 21.74
CA ILE B 41 -24.71 2.63 20.67
C ILE B 41 -24.91 1.21 21.20
N PRO B 42 -26.14 0.70 21.25
CA PRO B 42 -26.33 -0.69 21.65
C PRO B 42 -25.60 -1.61 20.68
N PRO B 43 -25.10 -2.74 21.17
CA PRO B 43 -24.28 -3.62 20.30
C PRO B 43 -25.02 -4.12 19.08
N ASP B 44 -26.33 -4.35 19.19
CA ASP B 44 -27.14 -4.82 18.07
C ASP B 44 -27.39 -3.73 17.03
N GLN B 45 -26.94 -2.50 17.27
CA GLN B 45 -26.94 -1.46 16.25
C GLN B 45 -25.55 -1.18 15.68
N GLN B 46 -24.59 -2.07 15.94
CA GLN B 46 -23.20 -1.86 15.55
C GLN B 46 -22.79 -2.87 14.49
N ARG B 47 -22.09 -2.39 13.46
CA ARG B 47 -21.25 -3.22 12.61
C ARG B 47 -19.81 -2.80 12.84
N LEU B 48 -18.94 -3.78 13.07
CA LEU B 48 -17.51 -3.56 13.14
C LEU B 48 -16.85 -4.19 11.92
N ILE B 49 -16.09 -3.39 11.19
CA ILE B 49 -15.47 -3.81 9.94
C ILE B 49 -13.95 -3.82 10.14
N PHE B 50 -13.30 -4.87 9.66
CA PHE B 50 -11.85 -4.92 9.74
C PHE B 50 -11.32 -5.69 8.56
N ALA B 51 -10.31 -5.15 7.89
CA ALA B 51 -9.64 -5.87 6.80
C ALA B 51 -10.66 -6.28 5.73
N GLY B 52 -11.69 -5.47 5.51
CA GLY B 52 -12.68 -5.78 4.51
C GLY B 52 -13.70 -6.84 4.88
N LYS B 53 -13.88 -7.11 6.17
CA LYS B 53 -14.85 -8.09 6.63
C LYS B 53 -15.67 -7.52 7.77
N GLN B 54 -16.93 -7.95 7.86
CA GLN B 54 -17.76 -7.63 9.02
C GLN B 54 -17.61 -8.72 10.08
N LEU B 55 -17.31 -8.32 11.30
CA LEU B 55 -17.01 -9.28 12.35
C LEU B 55 -18.29 -9.91 12.90
N GLU B 56 -18.17 -11.14 13.36
CA GLU B 56 -19.31 -11.95 13.80
C GLU B 56 -19.36 -11.96 15.32
N ASP B 57 -20.54 -11.67 15.87
CA ASP B 57 -20.75 -11.84 17.30
C ASP B 57 -20.69 -13.32 17.65
N GLY B 58 -19.98 -13.65 18.71
CA GLY B 58 -19.76 -15.04 19.05
C GLY B 58 -18.33 -15.45 18.78
N ARG B 59 -17.74 -14.88 17.72
CA ARG B 59 -16.31 -15.05 17.51
C ARG B 59 -15.54 -14.04 18.36
N THR B 60 -14.23 -14.20 18.40
CA THR B 60 -13.37 -13.36 19.21
C THR B 60 -12.43 -12.53 18.35
N LEU B 61 -11.69 -11.64 19.02
CA LEU B 61 -10.66 -10.85 18.34
C LEU B 61 -9.55 -11.74 17.77
N SER B 62 -9.21 -12.81 18.48
CA SER B 62 -8.17 -13.72 17.99
C SER B 62 -8.62 -14.48 16.75
N ASP B 63 -9.91 -14.85 16.70
CA ASP B 63 -10.43 -15.60 15.56
C ASP B 63 -10.30 -14.82 14.26
N TYR B 64 -10.27 -13.48 14.33
CA TYR B 64 -10.02 -12.62 13.19
C TYR B 64 -8.56 -12.15 13.13
N ASN B 65 -7.68 -12.74 13.95
CA ASN B 65 -6.26 -12.35 13.99
C ASN B 65 -6.12 -10.83 14.13
N ILE B 66 -7.01 -10.22 14.90
CA ILE B 66 -6.93 -8.78 15.12
C ILE B 66 -5.89 -8.52 16.21
N GLN B 67 -4.83 -7.81 15.85
CA GLN B 67 -3.68 -7.60 16.74
C GLN B 67 -3.68 -6.17 17.27
N LYS B 68 -2.71 -5.90 18.15
CA LYS B 68 -2.61 -4.59 18.80
C LYS B 68 -2.50 -3.46 17.78
N GLU B 69 -3.13 -2.33 18.12
CA GLU B 69 -3.14 -1.07 17.38
C GLU B 69 -3.85 -1.15 16.04
N SER B 70 -4.55 -2.25 15.76
CA SER B 70 -5.40 -2.32 14.58
C SER B 70 -6.55 -1.33 14.70
N THR B 71 -7.01 -0.84 13.56
CA THR B 71 -8.12 0.10 13.49
C THR B 71 -9.34 -0.62 12.94
N LEU B 72 -10.45 -0.52 13.67
CA LEU B 72 -11.74 -1.00 13.21
C LEU B 72 -12.54 0.17 12.65
N HIS B 73 -13.64 -0.15 11.97
CA HIS B 73 -14.53 0.86 11.41
C HIS B 73 -15.94 0.59 11.90
N LEU B 74 -16.51 1.53 12.65
CA LEU B 74 -17.86 1.39 13.16
C LEU B 74 -18.85 1.93 12.14
N VAL B 75 -19.85 1.12 11.81
CA VAL B 75 -20.98 1.54 11.00
C VAL B 75 -22.25 1.23 11.76
N LEU B 76 -23.17 2.19 11.81
CA LEU B 76 -24.42 1.93 12.50
C LEU B 76 -25.39 1.17 11.61
N ARG B 77 -26.20 0.34 12.26
CA ARG B 77 -27.24 -0.44 11.62
C ARG B 77 -28.50 -0.33 12.48
N LEU B 78 -29.60 -0.88 11.97
CA LEU B 78 -30.88 -0.81 12.67
C LEU B 78 -31.03 -1.91 13.71
N ARG B 79 -30.80 -3.17 13.30
CA ARG B 79 -30.86 -4.34 14.18
C ARG B 79 -30.57 -5.59 13.38
#